data_6S86
#
_entry.id   6S86
#
_cell.length_a   110.693
_cell.length_b   110.693
_cell.length_c   34.327
_cell.angle_alpha   90.000
_cell.angle_beta   90.000
_cell.angle_gamma   90.000
#
_symmetry.space_group_name_H-M   'P 41'
#
loop_
_entity.id
_entity.type
_entity.pdbx_description
1 polymer 'Stimulator of Interferon genes'
2 non-polymer "9,9'-[(2R,3R,3aS,5S,7aR,9R,10R,10aS,12S,14aR)-3,5,10,12-tetrahydroxy-5,12-dioxidooctahydro-2H,7H-difuro[3,2-d:3',2'-j][1,3,7,9,2,8]tetraoxadiphosphacyclododecine-2,9-diyl]bis(2-amino-1,9-dihydro-6H-purin-6-one)"
3 water water
#
_entity_poly.entity_id   1
_entity_poly.type   'polypeptide(L)'
_entity_poly.pdbx_seq_one_letter_code
;APAEISAVCEKGNFNVAHGLAWSYYIGYLRLILPELQARIRTYNQHYNNLLRGAVSQRLYILLPLDCGVPDNLSMADPNI
RFLDKLPQQTGDRAGIKDRVYSNSIYELLENGQRAGTCVLEYATPLQTLFAMSQYSQAGFSREDRLEQAKLFCRTLEDIL
ADAPESQNNCRLIAYQEPADDSSFSLSQEVLRHLRQEEKEEVTV
;
_entity_poly.pdbx_strand_id   A,B
#
loop_
_chem_comp.id
_chem_comp.type
_chem_comp.name
_chem_comp.formula
C2E non-polymer 9,9'-[(2R,3R,3aS,5S,7aR,9R,10R,10aS,12S,14aR)-3,5,10,12-tetrahydroxy-5,12-dioxidooctahydro-2H,7H-difuro[3,2-d:3',2'-j][1,3,7,9,2,8]tetraoxadiphosphacyclododecine-2,9-diyl]bis(2-amino-1,9-dihydro-6H-purin-6-one) 'C20 H24 N10 O14 P2'
#
# COMPACT_ATOMS: atom_id res chain seq x y z
N ASN A 15 -16.99 9.89 4.79
CA ASN A 15 -16.59 9.60 3.41
C ASN A 15 -15.22 8.93 3.36
N VAL A 16 -15.21 7.62 3.14
CA VAL A 16 -13.97 6.85 3.15
C VAL A 16 -13.33 6.82 1.76
N ALA A 17 -14.14 6.74 0.71
CA ALA A 17 -13.60 6.56 -0.63
C ALA A 17 -12.71 7.72 -1.05
N HIS A 18 -12.95 8.92 -0.52
CA HIS A 18 -12.14 10.06 -0.91
C HIS A 18 -10.70 9.87 -0.46
N GLY A 19 -10.50 9.50 0.81
CA GLY A 19 -9.15 9.31 1.30
C GLY A 19 -8.45 8.14 0.63
N LEU A 20 -9.18 7.07 0.36
CA LEU A 20 -8.58 5.90 -0.27
C LEU A 20 -8.11 6.22 -1.68
N ALA A 21 -8.86 7.05 -2.41
CA ALA A 21 -8.43 7.46 -3.74
C ALA A 21 -7.18 8.31 -3.68
N TRP A 22 -7.06 9.16 -2.66
CA TRP A 22 -5.89 10.03 -2.55
C TRP A 22 -4.65 9.25 -2.14
N SER A 23 -4.78 8.40 -1.12
CA SER A 23 -3.65 7.56 -0.72
C SER A 23 -3.24 6.64 -1.86
N TYR A 24 -4.22 6.13 -2.62
CA TYR A 24 -3.89 5.29 -3.77
C TYR A 24 -3.02 6.07 -4.76
N TYR A 25 -3.28 7.36 -4.91
CA TYR A 25 -2.49 8.17 -5.85
C TYR A 25 -1.19 8.63 -5.21
N ILE A 26 -1.22 9.03 -3.94
CA ILE A 26 -0.04 9.59 -3.21
C ILE A 26 0.98 8.48 -2.89
N GLY A 27 0.51 7.27 -2.57
CA GLY A 27 1.32 6.11 -2.14
C GLY A 27 1.65 5.13 -3.22
N TYR A 28 1.06 5.23 -4.40
CA TYR A 28 1.33 4.26 -5.48
C TYR A 28 1.47 4.88 -6.88
N LEU A 29 0.41 5.43 -7.44
CA LEU A 29 0.35 5.92 -8.84
C LEU A 29 1.34 7.06 -9.07
N ARG A 30 1.47 7.97 -8.13
CA ARG A 30 2.38 9.10 -8.30
C ARG A 30 3.80 8.58 -8.40
N LEU A 31 4.08 7.36 -7.97
CA LEU A 31 5.46 6.88 -7.87
C LEU A 31 5.83 5.87 -8.95
N ILE A 32 4.91 5.01 -9.35
CA ILE A 32 5.26 3.98 -10.33
C ILE A 32 4.96 4.40 -11.76
N LEU A 33 4.01 5.31 -11.95
CA LEU A 33 3.62 5.71 -13.29
C LEU A 33 4.75 6.44 -13.99
N PRO A 34 5.44 7.37 -13.32
CA PRO A 34 6.57 8.06 -13.98
C PRO A 34 7.66 7.11 -14.42
N GLU A 35 7.79 5.96 -13.78
CA GLU A 35 8.81 4.98 -14.14
C GLU A 35 8.20 3.71 -14.73
N LEU A 36 6.91 3.72 -15.05
CA LEU A 36 6.28 2.54 -15.63
C LEU A 36 6.74 2.33 -17.07
N GLN A 37 6.76 3.40 -17.87
CA GLN A 37 7.12 3.26 -19.28
C GLN A 37 8.51 2.63 -19.43
N ALA A 38 9.44 2.96 -18.53
CA ALA A 38 10.78 2.39 -18.61
C ALA A 38 10.79 0.93 -18.18
N ARG A 39 9.90 0.54 -17.27
CA ARG A 39 9.86 -0.86 -16.84
C ARG A 39 9.25 -1.74 -17.92
N ILE A 40 8.22 -1.24 -18.62
CA ILE A 40 7.65 -1.99 -19.73
C ILE A 40 8.66 -2.09 -20.86
N ARG A 41 9.37 -1.00 -21.16
CA ARG A 41 10.37 -1.02 -22.21
C ARG A 41 11.45 -2.04 -21.91
N THR A 42 11.83 -2.18 -20.64
CA THR A 42 12.91 -3.10 -20.29
C THR A 42 12.48 -4.54 -20.46
N TYR A 43 11.22 -4.85 -20.17
CA TYR A 43 10.74 -6.23 -20.32
C TYR A 43 10.49 -6.59 -21.77
N ASN A 44 10.17 -5.60 -22.61
CA ASN A 44 9.93 -5.87 -24.02
C ASN A 44 11.22 -6.26 -24.74
N GLN A 45 12.32 -5.60 -24.41
CA GLN A 45 13.58 -5.89 -25.09
C GLN A 45 14.13 -7.26 -24.72
N HIS A 46 13.89 -7.70 -23.48
CA HIS A 46 14.39 -9.00 -23.05
C HIS A 46 13.40 -10.12 -23.30
N TYR A 47 12.11 -9.84 -23.28
CA TYR A 47 11.09 -10.86 -23.49
C TYR A 47 9.90 -10.28 -24.27
N ALA A 54 5.20 -7.74 -26.37
CA ALA A 54 4.67 -6.55 -27.02
C ALA A 54 3.56 -5.93 -26.18
N VAL A 55 3.83 -5.78 -24.88
CA VAL A 55 2.84 -5.23 -23.97
C VAL A 55 2.63 -3.74 -24.26
N SER A 56 1.42 -3.26 -24.02
CA SER A 56 1.11 -1.86 -24.26
C SER A 56 1.69 -0.99 -23.15
N GLN A 57 1.95 0.27 -23.49
CA GLN A 57 2.62 1.20 -22.59
C GLN A 57 1.58 1.95 -21.76
N ARG A 58 0.90 1.19 -20.91
CA ARG A 58 -0.11 1.78 -20.05
C ARG A 58 -0.51 0.78 -18.97
N LEU A 59 -0.75 1.29 -17.77
CA LEU A 59 -1.27 0.50 -16.68
C LEU A 59 -2.79 0.60 -16.70
N TYR A 60 -3.45 -0.54 -16.75
CA TYR A 60 -4.91 -0.60 -16.79
C TYR A 60 -5.39 -1.10 -15.43
N ILE A 61 -6.20 -0.29 -14.76
CA ILE A 61 -6.65 -0.55 -13.40
C ILE A 61 -8.11 -0.96 -13.46
N LEU A 62 -8.39 -2.18 -13.02
CA LEU A 62 -9.77 -2.65 -12.94
C LEU A 62 -10.41 -2.09 -11.68
N LEU A 63 -11.58 -1.49 -11.83
CA LEU A 63 -12.32 -0.93 -10.70
C LEU A 63 -13.80 -1.35 -10.80
N PRO A 64 -14.08 -2.61 -10.53
CA PRO A 64 -15.49 -3.04 -10.46
C PRO A 64 -16.27 -2.22 -9.45
N LEU A 65 -17.37 -1.62 -9.90
CA LEU A 65 -18.17 -0.79 -9.02
C LEU A 65 -18.91 -1.61 -7.98
N ASP A 66 -19.06 -2.90 -8.22
CA ASP A 66 -19.63 -3.82 -7.23
C ASP A 66 -18.61 -4.08 -6.12
N CYS A 67 -17.33 -3.73 -6.31
CA CYS A 67 -16.16 -3.99 -5.46
C CYS A 67 -15.94 -5.50 -5.32
N GLY A 68 -16.26 -6.28 -6.34
CA GLY A 68 -16.01 -7.72 -6.31
C GLY A 68 -14.61 -7.96 -6.78
N VAL A 69 -13.65 -7.71 -5.89
CA VAL A 69 -12.20 -7.82 -6.22
C VAL A 69 -11.64 -9.17 -5.78
N PRO A 70 -11.50 -10.16 -6.67
CA PRO A 70 -10.78 -11.39 -6.32
C PRO A 70 -9.27 -11.19 -6.40
N ASP A 71 -8.56 -12.04 -5.64
CA ASP A 71 -7.11 -11.94 -5.61
C ASP A 71 -6.49 -12.48 -6.89
N ASN A 72 -7.12 -13.47 -7.52
CA ASN A 72 -6.63 -14.06 -8.75
C ASN A 72 -7.44 -13.55 -9.94
N LEU A 73 -6.75 -12.99 -10.92
CA LEU A 73 -7.45 -12.48 -12.10
C LEU A 73 -7.95 -13.63 -12.97
N SER A 74 -7.19 -14.72 -13.06
CA SER A 74 -7.63 -15.87 -13.83
C SER A 74 -8.85 -16.53 -13.19
N MET A 75 -8.96 -16.47 -11.86
CA MET A 75 -10.13 -17.03 -11.20
C MET A 75 -11.40 -16.27 -11.56
N ALA A 76 -11.28 -14.96 -11.82
CA ALA A 76 -12.46 -14.17 -12.17
C ALA A 76 -12.88 -14.39 -13.61
N ASP A 77 -11.93 -14.44 -14.53
CA ASP A 77 -12.24 -14.67 -15.94
C ASP A 77 -11.24 -15.67 -16.51
N PRO A 78 -11.70 -16.82 -17.01
CA PRO A 78 -10.76 -17.75 -17.63
C PRO A 78 -10.03 -17.14 -18.81
N ASN A 79 -10.68 -16.25 -19.55
CA ASN A 79 -10.04 -15.63 -20.71
C ASN A 79 -8.82 -14.82 -20.31
N ILE A 80 -8.87 -14.22 -19.12
CA ILE A 80 -7.74 -13.42 -18.54
C ILE A 80 -6.75 -14.41 -17.93
N ARG A 81 -5.53 -14.52 -18.48
CA ARG A 81 -4.51 -15.47 -18.01
C ARG A 81 -3.27 -14.68 -17.69
N PHE A 82 -2.58 -14.98 -16.60
CA PHE A 82 -1.35 -14.26 -16.20
C PHE A 82 -0.23 -14.60 -17.18
N LEU A 83 0.58 -13.64 -17.60
CA LEU A 83 1.69 -13.89 -18.53
C LEU A 83 3.06 -13.86 -17.85
N ASP A 84 3.37 -12.84 -17.08
CA ASP A 84 4.66 -12.72 -16.33
C ASP A 84 4.68 -11.44 -15.53
N LYS A 85 5.62 -11.33 -14.61
CA LYS A 85 5.79 -10.14 -13.77
C LYS A 85 6.65 -9.09 -14.46
N LEU A 86 6.33 -7.83 -14.24
CA LEU A 86 7.15 -6.71 -14.66
C LEU A 86 8.42 -6.66 -13.83
N PRO A 87 9.50 -6.07 -14.36
CA PRO A 87 10.68 -5.82 -13.53
C PRO A 87 10.31 -5.01 -12.30
N GLN A 88 10.71 -5.52 -11.14
CA GLN A 88 10.35 -4.88 -9.87
C GLN A 88 10.82 -3.44 -9.85
N GLN A 89 10.15 -2.64 -9.02
CA GLN A 89 10.56 -1.27 -8.75
C GLN A 89 10.87 -1.13 -7.27
N THR A 90 12.06 -0.63 -6.96
CA THR A 90 12.53 -0.51 -5.59
C THR A 90 12.52 0.96 -5.17
N GLY A 91 12.60 1.17 -3.85
CA GLY A 91 12.66 2.52 -3.32
C GLY A 91 12.47 2.60 -1.82
N ASP A 92 13.30 3.40 -1.16
CA ASP A 92 13.17 3.60 0.28
C ASP A 92 11.89 4.37 0.57
N ARG A 93 10.96 3.73 1.29
CA ARG A 93 9.65 4.31 1.54
C ARG A 93 9.31 4.16 3.01
N ALA A 94 9.23 5.28 3.73
CA ALA A 94 8.80 5.30 5.12
C ALA A 94 9.56 4.26 5.95
N GLY A 95 10.88 4.41 5.96
CA GLY A 95 11.74 3.55 6.74
C GLY A 95 11.92 2.15 6.19
N ILE A 96 11.31 1.83 5.07
CA ILE A 96 11.50 0.53 4.43
C ILE A 96 12.54 0.71 3.34
N LYS A 97 13.70 0.08 3.49
CA LYS A 97 14.76 0.21 2.52
C LYS A 97 14.52 -0.77 1.37
N ASP A 98 14.39 -0.24 0.16
CA ASP A 98 14.17 -1.03 -1.05
C ASP A 98 12.84 -1.77 -0.97
N ARG A 99 11.78 -0.99 -0.74
CA ARG A 99 10.43 -1.53 -0.82
C ARG A 99 10.12 -1.86 -2.29
N VAL A 100 9.73 -3.10 -2.55
CA VAL A 100 9.53 -3.57 -3.92
C VAL A 100 8.08 -3.36 -4.30
N TYR A 101 7.86 -2.76 -5.47
CA TYR A 101 6.52 -2.58 -6.01
C TYR A 101 6.34 -3.57 -7.15
N SER A 102 5.31 -4.40 -7.07
CA SER A 102 5.11 -5.50 -8.01
C SER A 102 3.94 -5.20 -8.93
N ASN A 103 4.14 -5.43 -10.22
CA ASN A 103 3.11 -5.26 -11.25
C ASN A 103 3.11 -6.50 -12.11
N SER A 104 1.92 -7.02 -12.38
CA SER A 104 1.75 -8.28 -13.08
C SER A 104 1.22 -8.03 -14.49
N ILE A 105 1.80 -8.74 -15.46
CA ILE A 105 1.42 -8.63 -16.85
C ILE A 105 0.46 -9.75 -17.19
N TYR A 106 -0.57 -9.43 -17.97
CA TYR A 106 -1.60 -10.40 -18.32
C TYR A 106 -1.86 -10.36 -19.82
N GLU A 107 -2.20 -11.53 -20.37
CA GLU A 107 -2.65 -11.65 -21.75
C GLU A 107 -4.12 -12.03 -21.74
N LEU A 108 -4.90 -11.44 -22.64
CA LEU A 108 -6.34 -11.64 -22.70
C LEU A 108 -6.68 -12.45 -23.93
N LEU A 109 -7.25 -13.64 -23.72
CA LEU A 109 -7.63 -14.53 -24.80
C LEU A 109 -9.10 -14.32 -25.09
N GLU A 110 -9.44 -14.07 -26.34
CA GLU A 110 -10.84 -14.06 -26.74
C GLU A 110 -11.09 -15.16 -27.76
N ASN A 111 -12.07 -16.01 -27.48
CA ASN A 111 -12.37 -17.22 -28.23
C ASN A 111 -11.11 -18.01 -28.48
N GLY A 112 -10.35 -18.22 -27.41
CA GLY A 112 -9.13 -18.99 -27.50
C GLY A 112 -7.99 -18.31 -28.22
N GLN A 113 -8.12 -17.03 -28.52
CA GLN A 113 -7.04 -16.29 -29.19
C GLN A 113 -6.65 -15.07 -28.38
N ARG A 114 -5.35 -14.88 -28.16
CA ARG A 114 -4.87 -13.69 -27.48
C ARG A 114 -5.08 -12.46 -28.36
N ALA A 115 -5.68 -11.44 -27.79
CA ALA A 115 -5.93 -10.19 -28.50
C ALA A 115 -5.25 -9.00 -27.87
N GLY A 116 -4.65 -9.15 -26.69
CA GLY A 116 -3.99 -8.04 -26.03
C GLY A 116 -3.20 -8.46 -24.81
N THR A 117 -2.06 -7.81 -24.61
CA THR A 117 -1.22 -7.99 -23.43
C THR A 117 -1.05 -6.64 -22.76
N CYS A 118 -1.17 -6.62 -21.44
CA CYS A 118 -1.12 -5.37 -20.70
C CYS A 118 -0.73 -5.65 -19.25
N VAL A 119 -0.41 -4.58 -18.54
CA VAL A 119 -0.18 -4.64 -17.11
C VAL A 119 -1.52 -4.39 -16.44
N LEU A 120 -2.13 -5.46 -15.93
CA LEU A 120 -3.48 -5.42 -15.44
C LEU A 120 -3.51 -5.71 -13.95
N GLU A 121 -4.37 -5.00 -13.23
CA GLU A 121 -4.53 -5.19 -11.80
C GLU A 121 -5.81 -4.48 -11.37
N TYR A 122 -6.36 -4.95 -10.26
CA TYR A 122 -7.53 -4.33 -9.66
C TYR A 122 -7.12 -3.08 -8.88
N ALA A 123 -8.10 -2.28 -8.49
CA ALA A 123 -7.89 -1.15 -7.60
C ALA A 123 -8.00 -1.67 -6.18
N THR A 124 -6.88 -1.99 -5.56
CA THR A 124 -6.88 -2.63 -4.25
C THR A 124 -7.76 -1.89 -3.23
N PRO A 125 -7.77 -0.56 -3.15
CA PRO A 125 -8.66 0.09 -2.18
C PRO A 125 -10.11 -0.35 -2.28
N LEU A 126 -10.58 -0.68 -3.48
CA LEU A 126 -11.93 -1.22 -3.62
C LEU A 126 -12.06 -2.53 -2.85
N GLN A 127 -11.06 -3.40 -2.94
CA GLN A 127 -11.03 -4.59 -2.10
C GLN A 127 -11.09 -4.22 -0.63
N THR A 128 -10.42 -3.13 -0.26
CA THR A 128 -10.46 -2.67 1.12
C THR A 128 -11.83 -2.12 1.49
N LEU A 129 -12.45 -1.38 0.57
CA LEU A 129 -13.81 -0.91 0.82
C LEU A 129 -14.78 -2.06 1.00
N PHE A 130 -14.61 -3.13 0.21
CA PHE A 130 -15.50 -4.27 0.33
C PHE A 130 -15.33 -4.96 1.68
N ALA A 131 -14.09 -5.05 2.18
CA ALA A 131 -13.88 -5.69 3.47
C ALA A 131 -14.23 -4.78 4.64
N MET A 132 -14.01 -3.47 4.49
CA MET A 132 -14.44 -2.52 5.52
C MET A 132 -15.94 -2.61 5.72
N SER A 133 -16.67 -2.98 4.67
CA SER A 133 -18.09 -3.26 4.75
C SER A 133 -18.47 -4.06 5.99
N GLN A 134 -17.76 -5.15 6.22
CA GLN A 134 -18.20 -6.18 7.16
C GLN A 134 -18.07 -5.70 8.59
N TYR A 135 -17.10 -4.82 8.86
CA TYR A 135 -16.73 -4.50 10.22
C TYR A 135 -17.73 -3.53 10.85
N SER A 136 -17.76 -3.55 12.18
CA SER A 136 -18.71 -2.74 12.93
C SER A 136 -18.29 -1.29 12.98
N GLN A 137 -17.05 -1.00 13.32
CA GLN A 137 -16.67 0.39 13.51
C GLN A 137 -16.24 1.06 12.20
N ALA A 138 -16.52 0.45 11.06
CA ALA A 138 -16.34 1.13 9.79
C ALA A 138 -17.32 2.29 9.67
N GLY A 139 -16.91 3.33 8.94
CA GLY A 139 -17.74 4.52 8.83
C GLY A 139 -19.02 4.26 8.05
N PHE A 140 -18.90 3.67 6.87
CA PHE A 140 -20.04 3.46 5.99
C PHE A 140 -20.73 2.13 6.31
N SER A 141 -21.96 2.00 5.82
CA SER A 141 -22.75 0.81 6.05
C SER A 141 -22.34 -0.30 5.08
N ARG A 142 -23.03 -1.44 5.16
CA ARG A 142 -22.81 -2.50 4.19
C ARG A 142 -23.59 -2.28 2.91
N GLU A 143 -24.61 -1.42 2.94
CA GLU A 143 -25.41 -1.09 1.77
C GLU A 143 -24.98 0.20 1.09
N ASP A 144 -23.80 0.72 1.42
CA ASP A 144 -23.23 1.87 0.75
C ASP A 144 -21.92 1.56 0.04
N ARG A 145 -21.60 0.27 -0.13
CA ARG A 145 -20.41 -0.11 -0.88
C ARG A 145 -20.44 0.50 -2.28
N LEU A 146 -21.60 0.44 -2.95
CA LEU A 146 -21.68 0.85 -4.35
C LEU A 146 -21.38 2.33 -4.53
N GLU A 147 -22.04 3.19 -3.74
CA GLU A 147 -21.79 4.63 -3.86
C GLU A 147 -20.37 4.97 -3.44
N GLN A 148 -19.81 4.25 -2.46
CA GLN A 148 -18.40 4.42 -2.14
C GLN A 148 -17.53 4.03 -3.34
N ALA A 149 -17.88 2.93 -4.01
CA ALA A 149 -17.17 2.55 -5.23
C ALA A 149 -17.31 3.62 -6.30
N LYS A 150 -18.53 4.17 -6.46
CA LYS A 150 -18.74 5.25 -7.42
C LYS A 150 -17.98 6.50 -7.00
N LEU A 151 -17.88 6.75 -5.70
CA LEU A 151 -17.13 7.91 -5.22
C LEU A 151 -15.63 7.72 -5.40
N PHE A 152 -15.14 6.48 -5.28
CA PHE A 152 -13.72 6.22 -5.49
C PHE A 152 -13.35 6.43 -6.95
N CYS A 153 -14.19 5.95 -7.88
CA CYS A 153 -13.89 6.07 -9.30
C CYS A 153 -13.92 7.54 -9.73
N ARG A 154 -14.86 8.32 -9.20
CA ARG A 154 -14.92 9.73 -9.56
C ARG A 154 -13.74 10.50 -8.99
N THR A 155 -13.38 10.22 -7.73
CA THR A 155 -12.29 10.96 -7.11
C THR A 155 -10.95 10.63 -7.75
N LEU A 156 -10.73 9.35 -8.10
CA LEU A 156 -9.47 8.97 -8.72
C LEU A 156 -9.29 9.64 -10.07
N GLU A 157 -10.32 9.56 -10.93
CA GLU A 157 -10.24 10.20 -12.23
C GLU A 157 -10.17 11.71 -12.11
N ASP A 158 -10.75 12.28 -11.05
CA ASP A 158 -10.56 13.71 -10.79
C ASP A 158 -9.11 14.00 -10.46
N ILE A 159 -8.49 13.18 -9.61
CA ILE A 159 -7.11 13.39 -9.25
C ILE A 159 -6.20 13.20 -10.47
N LEU A 160 -6.41 12.12 -11.22
CA LEU A 160 -5.57 11.83 -12.37
C LEU A 160 -5.82 12.80 -13.54
N ALA A 161 -6.84 13.65 -13.44
CA ALA A 161 -7.02 14.69 -14.44
C ALA A 161 -6.01 15.82 -14.23
N ASP A 162 -5.83 16.26 -12.99
CA ASP A 162 -4.89 17.30 -12.65
C ASP A 162 -3.54 16.75 -12.19
N ALA A 163 -3.32 15.45 -12.32
CA ALA A 163 -2.06 14.84 -11.88
C ALA A 163 -1.01 14.97 -12.97
N PRO A 164 0.09 15.69 -12.72
CA PRO A 164 1.13 15.80 -13.76
C PRO A 164 1.88 14.50 -14.02
N GLU A 165 1.79 13.52 -13.12
CA GLU A 165 2.50 12.26 -13.30
C GLU A 165 1.79 11.33 -14.27
N SER A 166 0.46 11.48 -14.40
CA SER A 166 -0.33 10.63 -15.29
C SER A 166 -0.35 11.22 -16.70
N GLN A 167 0.81 11.12 -17.36
CA GLN A 167 0.95 11.55 -18.75
C GLN A 167 0.48 10.43 -19.68
N ASN A 168 -0.81 10.13 -19.58
CA ASN A 168 -1.40 9.01 -20.30
C ASN A 168 -0.63 7.72 -20.01
N ASN A 169 -0.32 7.51 -18.74
CA ASN A 169 0.39 6.32 -18.30
C ASN A 169 -0.54 5.23 -17.81
N CYS A 170 -1.84 5.51 -17.68
CA CYS A 170 -2.78 4.52 -17.20
C CYS A 170 -4.17 4.90 -17.63
N ARG A 171 -5.08 3.93 -17.56
CA ARG A 171 -6.49 4.15 -17.87
C ARG A 171 -7.33 3.39 -16.86
N LEU A 172 -8.48 3.97 -16.53
CA LEU A 172 -9.36 3.41 -15.52
C LEU A 172 -10.44 2.57 -16.18
N ILE A 173 -10.66 1.37 -15.66
CA ILE A 173 -11.65 0.44 -16.18
C ILE A 173 -12.71 0.26 -15.11
N ALA A 174 -13.81 0.99 -15.23
CA ALA A 174 -14.92 0.94 -14.29
C ALA A 174 -16.12 0.28 -14.95
N TYR A 175 -16.74 -0.67 -14.24
CA TYR A 175 -17.86 -1.41 -14.80
C TYR A 175 -18.81 -1.82 -13.70
N GLN A 176 -20.02 -2.22 -14.11
CA GLN A 176 -21.06 -2.69 -13.21
C GLN A 176 -21.60 -4.02 -13.70
N GLU A 177 -21.90 -4.91 -12.77
CA GLU A 177 -22.43 -6.23 -13.11
C GLU A 177 -23.89 -6.34 -12.68
N PHE A 184 -21.55 -11.84 -18.03
CA PHE A 184 -20.73 -10.65 -18.24
C PHE A 184 -19.31 -11.06 -18.65
N SER A 185 -18.69 -10.20 -19.47
CA SER A 185 -17.40 -10.46 -20.08
C SER A 185 -16.45 -9.36 -19.65
N LEU A 186 -15.52 -9.70 -18.74
CA LEU A 186 -14.56 -8.67 -18.33
C LEU A 186 -13.47 -8.50 -19.39
N SER A 187 -13.03 -9.61 -19.99
CA SER A 187 -11.91 -9.56 -20.93
C SER A 187 -12.17 -8.58 -22.06
N GLN A 188 -13.33 -8.67 -22.71
CA GLN A 188 -13.61 -7.82 -23.85
C GLN A 188 -13.86 -6.37 -23.47
N GLU A 189 -14.24 -6.11 -22.22
CA GLU A 189 -14.20 -4.73 -21.73
C GLU A 189 -12.77 -4.22 -21.68
N VAL A 190 -11.84 -5.10 -21.26
CA VAL A 190 -10.42 -4.74 -21.28
C VAL A 190 -9.94 -4.60 -22.73
N LEU A 191 -10.37 -5.51 -23.60
CA LEU A 191 -9.94 -5.45 -24.99
C LEU A 191 -10.42 -4.17 -25.67
N ARG A 192 -11.62 -3.71 -25.30
CA ARG A 192 -12.17 -2.50 -25.90
C ARG A 192 -11.22 -1.32 -25.73
N HIS A 193 -10.63 -1.19 -24.55
CA HIS A 193 -9.73 -0.07 -24.27
C HIS A 193 -8.38 -0.26 -24.94
N LEU A 194 -7.78 -1.43 -24.83
CA LEU A 194 -6.47 -1.63 -25.44
C LEU A 194 -6.58 -1.58 -26.95
N ARG A 195 -7.65 -2.16 -27.51
CA ARG A 195 -7.87 -2.00 -28.94
C ARG A 195 -7.92 -0.54 -29.35
N GLN A 196 -8.45 0.33 -28.49
CA GLN A 196 -8.48 1.76 -28.78
C GLN A 196 -7.08 2.30 -29.03
N GLU A 197 -6.13 1.93 -28.17
CA GLU A 197 -4.74 2.36 -28.32
C GLU A 197 -4.17 1.86 -29.65
N ASN B 15 -13.31 13.97 7.17
CA ASN B 15 -12.11 13.56 7.89
C ASN B 15 -11.54 12.25 7.34
N VAL B 16 -10.26 12.29 6.98
CA VAL B 16 -9.61 11.20 6.24
C VAL B 16 -8.84 10.23 7.14
N ALA B 17 -8.41 10.67 8.33
CA ALA B 17 -7.53 9.84 9.14
C ALA B 17 -8.19 8.54 9.59
N HIS B 18 -9.51 8.51 9.65
CA HIS B 18 -10.19 7.30 10.09
C HIS B 18 -10.09 6.20 9.04
N GLY B 19 -10.28 6.55 7.77
CA GLY B 19 -10.28 5.54 6.72
C GLY B 19 -8.90 4.95 6.48
N LEU B 20 -7.85 5.78 6.57
CA LEU B 20 -6.51 5.29 6.29
C LEU B 20 -5.97 4.45 7.44
N ALA B 21 -6.50 4.61 8.65
CA ALA B 21 -6.19 3.67 9.73
C ALA B 21 -6.81 2.31 9.45
N TRP B 22 -8.03 2.30 8.90
CA TRP B 22 -8.66 1.05 8.52
C TRP B 22 -7.96 0.42 7.33
N SER B 23 -7.52 1.24 6.37
CA SER B 23 -6.76 0.72 5.24
C SER B 23 -5.42 0.14 5.70
N TYR B 24 -4.74 0.84 6.60
CA TYR B 24 -3.47 0.34 7.12
C TYR B 24 -3.65 -1.02 7.78
N TYR B 25 -4.75 -1.21 8.49
CA TYR B 25 -4.98 -2.48 9.19
C TYR B 25 -5.44 -3.56 8.23
N ILE B 26 -6.44 -3.28 7.41
CA ILE B 26 -7.05 -4.26 6.46
C ILE B 26 -6.07 -4.67 5.36
N GLY B 27 -5.34 -3.74 4.77
CA GLY B 27 -4.44 -3.99 3.64
C GLY B 27 -3.02 -4.35 4.02
N TYR B 28 -2.66 -4.30 5.29
CA TYR B 28 -1.28 -4.61 5.69
C TYR B 28 -1.12 -5.37 7.00
N LEU B 29 -1.52 -4.80 8.13
CA LEU B 29 -1.22 -5.30 9.48
C LEU B 29 -1.88 -6.66 9.71
N ARG B 30 -3.15 -6.76 9.35
CA ARG B 30 -3.97 -8.01 9.47
C ARG B 30 -3.36 -9.11 8.60
N LEU B 31 -2.54 -8.76 7.60
CA LEU B 31 -1.95 -9.74 6.69
C LEU B 31 -0.51 -10.09 7.05
N ILE B 32 0.25 -9.19 7.65
CA ILE B 32 1.64 -9.43 7.93
C ILE B 32 1.91 -9.77 9.39
N LEU B 33 1.12 -9.26 10.33
CA LEU B 33 1.34 -9.58 11.72
C LEU B 33 1.20 -11.07 11.99
N PRO B 34 0.21 -11.76 11.44
CA PRO B 34 0.13 -13.22 11.67
C PRO B 34 1.37 -13.97 11.24
N GLU B 35 2.06 -13.52 10.20
CA GLU B 35 3.27 -14.19 9.72
C GLU B 35 4.53 -13.46 10.14
N LEU B 36 4.43 -12.55 11.10
CA LEU B 36 5.59 -11.75 11.48
C LEU B 36 6.58 -12.58 12.30
N GLN B 37 6.11 -13.17 13.40
CA GLN B 37 7.03 -13.89 14.28
C GLN B 37 7.73 -15.04 13.55
N ALA B 38 7.03 -15.69 12.60
CA ALA B 38 7.64 -16.76 11.82
C ALA B 38 8.76 -16.22 10.93
N ARG B 39 8.65 -14.96 10.49
CA ARG B 39 9.68 -14.37 9.66
C ARG B 39 10.89 -13.92 10.48
N ILE B 40 10.64 -13.42 11.70
CA ILE B 40 11.75 -13.02 12.57
C ILE B 40 12.53 -14.24 13.02
N ARG B 41 11.82 -15.33 13.33
CA ARG B 41 12.49 -16.57 13.75
C ARG B 41 13.35 -17.12 12.62
N THR B 42 12.88 -16.99 11.37
CA THR B 42 13.66 -17.47 10.23
C THR B 42 14.97 -16.69 10.11
N TYR B 43 14.88 -15.36 10.15
CA TYR B 43 16.08 -14.54 10.10
C TYR B 43 17.04 -14.88 11.24
N ASN B 44 16.49 -15.16 12.41
CA ASN B 44 17.32 -15.34 13.61
C ASN B 44 18.10 -16.64 13.54
N GLN B 45 17.46 -17.74 13.16
CA GLN B 45 18.13 -19.03 13.15
C GLN B 45 19.10 -19.14 11.97
N HIS B 46 18.68 -18.70 10.78
CA HIS B 46 19.54 -18.82 9.62
C HIS B 46 20.71 -17.84 9.66
N TYR B 47 20.51 -16.67 10.25
CA TYR B 47 21.59 -15.70 10.39
C TYR B 47 21.92 -15.45 11.86
N ALA B 54 19.60 -11.13 17.02
CA ALA B 54 18.73 -11.04 18.18
C ALA B 54 17.63 -10.01 17.97
N VAL B 55 16.85 -10.19 16.92
CA VAL B 55 15.76 -9.26 16.54
C VAL B 55 14.59 -9.50 17.48
N SER B 56 13.86 -8.44 17.84
CA SER B 56 12.65 -8.50 18.71
C SER B 56 11.54 -9.24 17.96
N GLN B 57 10.47 -9.65 18.66
CA GLN B 57 9.36 -10.41 18.04
C GLN B 57 8.17 -9.50 17.73
N ARG B 58 8.31 -8.19 17.83
CA ARG B 58 7.22 -7.24 17.47
C ARG B 58 7.70 -6.24 16.42
N LEU B 59 6.79 -5.81 15.57
CA LEU B 59 6.96 -4.75 14.58
C LEU B 59 6.68 -3.40 15.26
N TYR B 60 7.65 -2.50 15.17
CA TYR B 60 7.59 -1.20 15.81
C TYR B 60 7.16 -0.16 14.78
N ILE B 61 6.10 0.56 15.09
CA ILE B 61 5.46 1.50 14.17
C ILE B 61 5.67 2.89 14.74
N LEU B 62 6.51 3.68 14.09
CA LEU B 62 6.76 5.04 14.54
C LEU B 62 5.62 5.95 14.08
N LEU B 63 5.11 6.75 15.00
CA LEU B 63 3.92 7.57 14.77
C LEU B 63 4.22 9.03 15.08
N PRO B 64 5.06 9.68 14.28
CA PRO B 64 5.34 11.11 14.51
C PRO B 64 4.10 11.94 14.22
N LEU B 65 3.60 12.63 15.24
CA LEU B 65 2.41 13.45 15.09
C LEU B 65 2.69 14.76 14.36
N ASP B 66 3.96 15.17 14.29
CA ASP B 66 4.35 16.25 13.40
C ASP B 66 4.10 15.91 11.94
N CYS B 67 4.00 14.63 11.62
CA CYS B 67 3.81 14.11 10.26
C CYS B 67 5.03 14.30 9.38
N GLY B 68 6.19 14.60 9.97
CA GLY B 68 7.42 14.66 9.21
C GLY B 68 8.03 13.29 9.05
N VAL B 69 7.55 12.54 8.07
CA VAL B 69 7.96 11.16 7.85
C VAL B 69 9.02 11.10 6.75
N PRO B 70 10.30 10.97 7.09
CA PRO B 70 11.32 10.82 6.05
C PRO B 70 11.37 9.40 5.52
N ASP B 71 11.87 9.28 4.29
CA ASP B 71 11.96 7.97 3.66
C ASP B 71 13.11 7.14 4.21
N ASN B 72 14.14 7.79 4.73
CA ASN B 72 15.33 7.11 5.25
C ASN B 72 15.39 7.30 6.75
N LEU B 73 15.22 6.20 7.50
CA LEU B 73 15.41 6.26 8.95
C LEU B 73 16.85 6.64 9.29
N SER B 74 17.80 6.22 8.46
CA SER B 74 19.18 6.68 8.54
C SER B 74 19.27 8.15 8.93
N MET B 75 18.64 9.00 8.12
CA MET B 75 18.87 10.44 8.16
C MET B 75 18.08 11.12 9.27
N ALA B 76 16.95 10.53 9.68
CA ALA B 76 16.17 11.12 10.76
C ALA B 76 16.90 11.02 12.09
N ASP B 77 17.58 9.89 12.32
CA ASP B 77 18.38 9.71 13.52
C ASP B 77 19.59 8.86 13.14
N PRO B 78 20.80 9.45 13.15
CA PRO B 78 21.97 8.66 12.74
C PRO B 78 22.18 7.41 13.56
N ASN B 79 21.78 7.41 14.84
CA ASN B 79 22.00 6.23 15.67
C ASN B 79 21.14 5.05 15.22
N ILE B 80 19.99 5.33 14.60
CA ILE B 80 19.18 4.27 14.00
C ILE B 80 19.84 3.89 12.68
N ARG B 81 20.34 2.66 12.62
CA ARG B 81 21.14 2.18 11.50
C ARG B 81 20.47 0.98 10.86
N PHE B 82 20.29 1.04 9.54
CA PHE B 82 19.80 -0.13 8.81
C PHE B 82 20.79 -1.25 8.56
N LEU B 83 20.43 -2.45 9.05
CA LEU B 83 21.31 -3.60 8.88
C LEU B 83 20.98 -4.65 7.83
N ASP B 84 19.74 -5.12 7.79
CA ASP B 84 19.34 -6.11 6.81
C ASP B 84 17.84 -6.04 6.59
N LYS B 85 17.38 -6.77 5.58
CA LYS B 85 15.97 -6.84 5.24
C LYS B 85 15.37 -8.14 5.77
N LEU B 86 14.18 -8.05 6.36
CA LEU B 86 13.47 -9.23 6.82
C LEU B 86 13.11 -10.11 5.62
N PRO B 87 13.11 -11.44 5.81
CA PRO B 87 12.68 -12.32 4.72
C PRO B 87 11.35 -11.88 4.13
N GLN B 88 11.27 -11.93 2.81
CA GLN B 88 10.11 -11.44 2.10
C GLN B 88 8.84 -12.18 2.53
N GLN B 89 7.70 -11.52 2.36
CA GLN B 89 6.40 -12.16 2.45
C GLN B 89 5.66 -11.87 1.14
N THR B 90 5.16 -12.93 0.51
CA THR B 90 4.45 -12.80 -0.76
C THR B 90 3.03 -13.33 -0.62
N GLY B 91 2.17 -12.86 -1.50
CA GLY B 91 0.78 -13.27 -1.52
C GLY B 91 0.03 -12.66 -2.69
N ASP B 92 -0.96 -13.38 -3.20
CA ASP B 92 -1.76 -12.88 -4.31
C ASP B 92 -2.83 -11.95 -3.75
N ARG B 93 -2.82 -10.70 -4.15
CA ARG B 93 -3.82 -9.75 -3.68
C ARG B 93 -4.21 -8.84 -4.83
N ALA B 94 -5.51 -8.67 -5.03
CA ALA B 94 -6.10 -7.72 -5.98
C ALA B 94 -5.50 -7.87 -7.37
N GLY B 95 -5.23 -9.10 -7.77
CA GLY B 95 -4.78 -9.38 -9.12
C GLY B 95 -3.29 -9.27 -9.35
N ILE B 96 -2.50 -9.11 -8.31
CA ILE B 96 -1.04 -9.06 -8.42
C ILE B 96 -0.50 -10.39 -7.90
N LYS B 97 0.17 -11.13 -8.77
CA LYS B 97 0.68 -12.46 -8.41
C LYS B 97 1.88 -12.31 -7.48
N ASP B 98 1.75 -12.85 -6.27
CA ASP B 98 2.82 -12.87 -5.27
C ASP B 98 3.36 -11.47 -5.02
N ARG B 99 2.48 -10.62 -4.50
CA ARG B 99 2.84 -9.24 -4.19
C ARG B 99 3.85 -9.23 -3.04
N VAL B 100 4.95 -8.51 -3.25
CA VAL B 100 6.05 -8.49 -2.29
C VAL B 100 5.72 -7.54 -1.15
N TYR B 101 5.91 -8.00 0.08
CA TYR B 101 5.77 -7.17 1.27
C TYR B 101 7.12 -7.11 1.96
N SER B 102 7.65 -5.89 2.11
CA SER B 102 9.01 -5.66 2.57
C SER B 102 9.00 -5.05 3.97
N ASN B 103 9.88 -5.56 4.82
CA ASN B 103 10.09 -5.03 6.16
C ASN B 103 11.59 -4.89 6.40
N SER B 104 11.98 -3.83 7.10
CA SER B 104 13.37 -3.50 7.32
C SER B 104 13.70 -3.56 8.80
N ILE B 105 14.85 -4.16 9.12
CA ILE B 105 15.31 -4.31 10.50
C ILE B 105 16.47 -3.34 10.72
N TYR B 106 16.46 -2.69 11.88
CA TYR B 106 17.40 -1.63 12.18
C TYR B 106 18.15 -1.92 13.46
N GLU B 107 19.34 -1.37 13.57
CA GLU B 107 20.10 -1.35 14.81
C GLU B 107 20.04 0.06 15.40
N LEU B 108 19.87 0.13 16.72
CA LEU B 108 19.75 1.41 17.41
C LEU B 108 20.93 1.54 18.39
N LEU B 109 21.82 2.47 18.08
CA LEU B 109 23.02 2.68 18.89
C LEU B 109 22.76 3.74 19.95
N GLU B 110 23.23 3.45 21.16
CA GLU B 110 23.09 4.35 22.30
C GLU B 110 24.49 4.70 22.78
N ASN B 111 24.91 5.95 22.52
CA ASN B 111 26.24 6.40 22.88
C ASN B 111 27.29 5.52 22.19
N GLY B 112 27.11 5.34 20.88
CA GLY B 112 27.99 4.48 20.11
C GLY B 112 27.85 3.01 20.40
N GLN B 113 26.86 2.61 21.19
CA GLN B 113 26.67 1.23 21.60
C GLN B 113 25.28 0.76 21.18
N ARG B 114 25.24 -0.35 20.45
CA ARG B 114 23.96 -0.90 20.03
C ARG B 114 23.18 -1.38 21.25
N ALA B 115 21.94 -0.92 21.38
CA ALA B 115 21.09 -1.27 22.51
C ALA B 115 19.91 -2.15 22.12
N GLY B 116 19.50 -2.16 20.86
CA GLY B 116 18.37 -2.95 20.43
C GLY B 116 18.38 -3.19 18.95
N THR B 117 17.70 -4.27 18.56
CA THR B 117 17.50 -4.62 17.16
C THR B 117 16.05 -5.02 16.97
N CYS B 118 15.40 -4.48 15.95
CA CYS B 118 13.97 -4.70 15.77
C CYS B 118 13.57 -4.32 14.36
N VAL B 119 12.37 -4.76 13.98
CA VAL B 119 11.78 -4.39 12.70
C VAL B 119 11.11 -3.04 12.89
N LEU B 120 11.71 -1.99 12.33
CA LEU B 120 11.26 -0.64 12.57
C LEU B 120 10.90 0.05 11.26
N GLU B 121 9.76 0.73 11.27
CA GLU B 121 9.30 1.46 10.09
C GLU B 121 8.34 2.54 10.54
N TYR B 122 8.11 3.50 9.67
CA TYR B 122 7.13 4.55 9.88
C TYR B 122 5.74 4.06 9.46
N ALA B 123 4.72 4.79 9.90
CA ALA B 123 3.34 4.55 9.45
C ALA B 123 3.14 5.33 8.17
N THR B 124 3.22 4.65 7.04
CA THR B 124 3.13 5.34 5.75
C THR B 124 1.90 6.22 5.62
N PRO B 125 0.71 5.85 6.09
CA PRO B 125 -0.43 6.76 5.97
C PRO B 125 -0.17 8.15 6.54
N LEU B 126 0.62 8.26 7.61
CA LEU B 126 0.94 9.57 8.15
C LEU B 126 1.75 10.38 7.15
N GLN B 127 2.65 9.73 6.42
CA GLN B 127 3.37 10.41 5.34
C GLN B 127 2.40 10.88 4.26
N THR B 128 1.33 10.12 4.02
CA THR B 128 0.36 10.52 3.01
C THR B 128 -0.51 11.67 3.50
N LEU B 129 -0.88 11.68 4.78
CA LEU B 129 -1.66 12.78 5.33
C LEU B 129 -0.89 14.09 5.21
N PHE B 130 0.43 14.06 5.47
CA PHE B 130 1.25 15.24 5.30
C PHE B 130 1.22 15.73 3.85
N ALA B 131 1.39 14.80 2.90
CA ALA B 131 1.40 15.18 1.50
C ALA B 131 0.06 15.76 1.07
N MET B 132 -1.05 15.15 1.51
CA MET B 132 -2.36 15.62 1.08
C MET B 132 -2.70 16.99 1.66
N SER B 133 -2.09 17.37 2.78
CA SER B 133 -2.33 18.69 3.33
C SER B 133 -2.08 19.78 2.29
N GLN B 134 -1.16 19.54 1.36
CA GLN B 134 -0.82 20.54 0.37
C GLN B 134 -1.89 20.65 -0.72
N TYR B 135 -2.51 19.53 -1.07
CA TYR B 135 -3.40 19.50 -2.22
C TYR B 135 -4.77 20.07 -1.86
N SER B 136 -5.34 20.83 -2.80
CA SER B 136 -6.53 21.60 -2.50
C SER B 136 -7.76 20.71 -2.37
N GLN B 137 -7.93 19.73 -3.26
CA GLN B 137 -9.10 18.87 -3.22
C GLN B 137 -9.14 17.99 -1.98
N ALA B 138 -8.00 17.81 -1.31
CA ALA B 138 -7.99 17.11 -0.03
C ALA B 138 -8.85 17.87 0.97
N GLY B 139 -9.67 17.14 1.72
CA GLY B 139 -10.58 17.75 2.66
C GLY B 139 -9.91 18.66 3.67
N PHE B 140 -8.98 18.11 4.43
CA PHE B 140 -8.33 18.85 5.50
C PHE B 140 -7.29 19.82 4.92
N SER B 141 -6.94 20.81 5.74
CA SER B 141 -5.97 21.83 5.38
C SER B 141 -4.74 21.72 6.28
N ARG B 142 -3.72 22.51 5.93
CA ARG B 142 -2.42 22.41 6.59
C ARG B 142 -2.56 22.38 8.11
N GLU B 143 -3.32 23.34 8.65
CA GLU B 143 -3.53 23.43 10.09
C GLU B 143 -4.14 22.16 10.68
N ASP B 144 -4.78 21.34 9.85
CA ASP B 144 -5.53 20.19 10.32
C ASP B 144 -4.71 18.89 10.33
N ARG B 145 -3.52 18.89 9.73
CA ARG B 145 -2.76 17.65 9.60
C ARG B 145 -2.32 17.09 10.95
N LEU B 146 -2.19 17.95 11.97
CA LEU B 146 -1.80 17.46 13.30
C LEU B 146 -2.96 16.72 13.96
N GLU B 147 -4.15 17.31 13.94
CA GLU B 147 -5.32 16.65 14.52
C GLU B 147 -5.57 15.31 13.85
N GLN B 148 -5.35 15.23 12.54
CA GLN B 148 -5.52 13.96 11.84
C GLN B 148 -4.48 12.93 12.28
N ALA B 149 -3.27 13.37 12.60
CA ALA B 149 -2.23 12.45 13.05
C ALA B 149 -2.66 11.73 14.33
N LYS B 150 -3.00 12.51 15.37
CA LYS B 150 -3.49 11.93 16.61
C LYS B 150 -4.75 11.11 16.36
N LEU B 151 -5.59 11.56 15.42
CA LEU B 151 -6.81 10.82 15.11
C LEU B 151 -6.50 9.50 14.43
N PHE B 152 -5.49 9.47 13.56
CA PHE B 152 -5.08 8.22 12.95
C PHE B 152 -4.54 7.25 14.00
N CYS B 153 -3.68 7.73 14.89
CA CYS B 153 -3.12 6.87 15.92
C CYS B 153 -4.22 6.34 16.84
N ARG B 154 -5.16 7.20 17.22
CA ARG B 154 -6.27 6.75 18.06
C ARG B 154 -7.06 5.65 17.36
N THR B 155 -7.48 5.90 16.12
CA THR B 155 -8.25 4.90 15.38
C THR B 155 -7.47 3.60 15.26
N LEU B 156 -6.18 3.69 14.96
CA LEU B 156 -5.36 2.48 14.85
C LEU B 156 -5.26 1.77 16.19
N GLU B 157 -5.19 2.54 17.28
CA GLU B 157 -5.12 1.93 18.61
C GLU B 157 -6.41 1.19 18.94
N ASP B 158 -7.55 1.78 18.60
CA ASP B 158 -8.82 1.11 18.86
C ASP B 158 -8.95 -0.15 18.02
N ILE B 159 -8.48 -0.10 16.77
CA ILE B 159 -8.60 -1.26 15.89
C ILE B 159 -7.73 -2.40 16.40
N LEU B 160 -6.49 -2.09 16.77
CA LEU B 160 -5.60 -3.13 17.26
C LEU B 160 -6.09 -3.71 18.58
N ALA B 161 -6.79 -2.92 19.39
CA ALA B 161 -7.31 -3.42 20.67
C ALA B 161 -8.28 -4.56 20.44
N ASP B 162 -9.14 -4.44 19.42
CA ASP B 162 -10.09 -5.48 19.08
C ASP B 162 -9.61 -6.36 17.93
N ALA B 163 -8.34 -6.25 17.54
CA ALA B 163 -7.82 -7.01 16.41
C ALA B 163 -7.31 -8.35 16.89
N PRO B 164 -7.84 -9.49 16.39
CA PRO B 164 -7.34 -10.81 16.78
C PRO B 164 -5.90 -11.02 16.29
N GLU B 165 -5.52 -10.33 15.21
CA GLU B 165 -4.19 -10.40 14.55
C GLU B 165 -3.10 -9.81 15.45
N SER B 166 -3.46 -8.79 16.19
CA SER B 166 -2.58 -8.05 17.10
C SER B 166 -2.49 -8.80 18.43
N GLN B 167 -1.71 -9.86 18.44
CA GLN B 167 -1.38 -10.65 19.65
C GLN B 167 -0.14 -9.96 20.20
N ASN B 168 -0.22 -8.63 20.27
CA ASN B 168 0.89 -7.68 20.58
C ASN B 168 2.06 -8.12 19.72
N ASN B 169 1.87 -8.16 18.41
CA ASN B 169 2.89 -8.52 17.42
C ASN B 169 3.53 -7.22 16.95
N CYS B 170 3.01 -6.09 17.37
CA CYS B 170 3.55 -4.78 16.99
C CYS B 170 3.38 -3.81 18.16
N ARG B 171 4.16 -2.76 18.16
CA ARG B 171 4.08 -1.70 19.18
C ARG B 171 4.00 -0.36 18.45
N LEU B 172 3.07 0.51 18.79
CA LEU B 172 2.94 1.84 18.17
C LEU B 172 3.76 2.79 19.04
N ILE B 173 4.50 3.68 18.42
CA ILE B 173 5.36 4.65 19.10
C ILE B 173 4.94 6.03 18.61
N ALA B 174 4.08 6.70 19.37
CA ALA B 174 3.66 8.06 19.07
C ALA B 174 4.55 9.05 19.81
N TYR B 175 4.97 10.11 19.11
CA TYR B 175 5.89 11.06 19.71
C TYR B 175 5.81 12.39 18.98
N GLN B 176 5.70 13.47 19.76
CA GLN B 176 5.61 14.83 19.23
C GLN B 176 6.84 15.60 19.68
N GLU B 177 7.60 16.11 18.71
CA GLU B 177 8.82 16.85 19.01
C GLU B 177 8.50 18.25 19.55
N PHE B 184 15.96 16.49 20.01
CA PHE B 184 15.11 15.31 20.21
C PHE B 184 15.80 14.08 19.64
N SER B 185 15.76 12.98 20.40
CA SER B 185 16.44 11.75 20.03
C SER B 185 15.39 10.67 19.79
N LEU B 186 15.10 10.40 18.51
CA LEU B 186 14.19 9.30 18.19
C LEU B 186 14.73 7.97 18.70
N SER B 187 16.05 7.78 18.63
CA SER B 187 16.66 6.56 19.14
C SER B 187 16.17 6.24 20.54
N GLN B 188 16.27 7.21 21.45
CA GLN B 188 15.86 6.98 22.83
C GLN B 188 14.39 6.61 22.90
N GLU B 189 13.54 7.37 22.21
CA GLU B 189 12.10 7.09 22.26
C GLU B 189 11.82 5.64 21.88
N VAL B 190 12.50 5.15 20.85
CA VAL B 190 12.35 3.74 20.47
C VAL B 190 12.89 2.84 21.56
N LEU B 191 14.09 3.15 22.08
CA LEU B 191 14.73 2.25 23.01
C LEU B 191 13.92 2.09 24.29
N ARG B 192 13.29 3.17 24.76
CA ARG B 192 12.46 3.08 25.95
C ARG B 192 11.47 1.92 25.84
N HIS B 193 10.76 1.85 24.72
CA HIS B 193 9.74 0.81 24.56
C HIS B 193 10.37 -0.57 24.47
N LEU B 194 11.44 -0.72 23.69
CA LEU B 194 12.05 -2.03 23.51
C LEU B 194 12.58 -2.57 24.83
N ARG B 195 13.13 -1.70 25.68
CA ARG B 195 13.54 -2.14 27.02
C ARG B 195 12.40 -2.88 27.71
N GLN B 196 11.21 -2.29 27.70
CA GLN B 196 10.02 -2.95 28.20
C GLN B 196 9.44 -3.85 27.12
P1 C2E C . -2.98 -1.37 0.45
O2P C2E C . -2.29 -2.46 -0.34
O1P C2E C . -4.33 -1.81 0.96
O5' C2E C . -2.03 -1.04 1.70
C5' C2E C . -2.38 0.07 2.50
C4' C2E C . -1.17 0.45 3.31
O4' C2E C . -0.60 -0.71 3.95
C3' C2E C . -0.01 1.07 2.52
O3' C2E C . -0.13 2.43 2.24
C2' C2E C . 1.17 0.82 3.48
O2' C2E C . 1.17 1.80 4.51
C1' C2E C . 0.83 -0.57 4.02
N9 C2E C . 1.54 -1.50 3.14
C8 C2E C . 1.04 -2.11 2.07
N7 C2E C . 2.00 -2.90 1.49
C5 C2E C . 3.13 -2.76 2.21
C6 C2E C . 4.50 -3.29 2.16
O6 C2E C . 4.83 -4.09 1.26
N1 C2E C . 5.38 -2.91 3.11
C2 C2E C . 5.04 -2.06 4.09
N2 C2E C . 5.98 -1.71 5.00
N3 C2E C . 3.79 -1.52 4.19
C4 C2E C . 2.83 -1.83 3.31
P11 C2E C . 0.69 2.91 0.94
O21 C2E C . 2.09 2.38 0.95
O11 C2E C . 0.66 4.43 0.94
O5A C2E C . -0.06 2.38 -0.37
C5A C2E C . -1.43 2.71 -0.50
C4A C2E C . -2.05 1.86 -1.57
O4A C2E C . -1.30 1.92 -2.81
C3A C2E C . -2.14 0.35 -1.24
O3A C2E C . -3.21 -0.04 -0.43
C2A C2E C . -2.27 -0.25 -2.65
O2A C2E C . -3.60 -0.16 -3.11
C1A C2E C . -1.34 0.65 -3.48
N91 C2E C . -0.03 -0.01 -3.48
C81 C2E C . 0.99 0.24 -2.62
N71 C2E C . 2.04 -0.57 -2.91
C51 C2E C . 1.69 -1.35 -3.94
C61 C2E C . 2.34 -2.42 -4.74
O61 C2E C . 3.50 -2.79 -4.49
N11 C2E C . 1.64 -2.98 -5.74
C21 C2E C . 0.38 -2.60 -6.04
N21 C2E C . -0.26 -3.22 -7.06
N31 C2E C . -0.27 -1.62 -5.35
C41 C2E C . 0.32 -0.98 -4.31
H5'1 C2E C . -2.69 0.90 1.87
H5'2 C2E C . -3.20 -0.20 3.16
H4' C2E C . -1.48 1.17 4.08
H3' C2E C . 0.15 0.50 1.59
H2' C2E C . 2.12 0.80 2.93
HO2' C2E C . 1.86 1.57 5.16
H1' C2E C . 1.18 -0.66 5.07
H8 C2E C . 0.02 -2.02 1.70
HN1 C2E C . 6.35 -3.28 3.07
HN21 C2E C . 5.75 -1.06 5.75
HN22 C2E C . 6.91 -2.10 4.93
H511 C2E C . -1.94 2.55 0.45
H512 C2E C . -1.52 3.77 -0.77
H4A C2E C . -3.07 2.22 -1.75
H3A C2E C . -1.19 0.03 -0.80
H2A C2E C . -1.90 -1.28 -2.66
HO2A C2E C . -3.65 -0.41 -4.04
H1A C2E C . -1.72 0.75 -4.50
H81 C2E C . 0.97 0.97 -1.83
HN11 C2E C . 2.08 -3.73 -6.30
HN24 C2E C . 0.21 -3.94 -7.58
HN23 C2E C . -1.21 -2.95 -7.30
#